data_6Z5A
#
_entry.id   6Z5A
#
_cell.length_a   77.840
_cell.length_b   78.290
_cell.length_c   83.190
_cell.angle_alpha   90.000
_cell.angle_beta   90.000
_cell.angle_gamma   90.000
#
_symmetry.space_group_name_H-M   'P 21 21 21'
#
loop_
_entity.id
_entity.type
_entity.pdbx_description
1 polymer 'Serine/threonine-protein kinase haspin'
2 non-polymer 'PHOSPHATE ION'
3 non-polymer 'ZINC ION'
4 non-polymer 'DIMETHYL SULFOXIDE'
5 non-polymer 'SODIUM ION'
6 non-polymer N-cyclopentyl-2-[(11,15-dimethyl-10-oxo-8-oxa-2,11,15,19,21,23-hexazatetracyclo[15.6.1.13,7.020,24]pentacosa-1(23),3(25),4,6,17,20(24),21-heptaen-6-yl)oxy]acetamide
7 water water
#
_entity_poly.entity_id   1
_entity_poly.type   'polypeptide(L)'
_entity_poly.pdbx_seq_one_letter_code
;MHHHHHHSSGVDLGTENLYFQSMGECSQKGPVPFSHCLPTEKLQRCEKIGEGVFGEVFQTIADHTPVAIKIIAIEGPDLV
NGSHQKTFEEILPEIIISKELSLLSGEVCNRTEGFIGLNSVHCVQGSYPPLLLKAWDHYNSTKGSANDRPDFFKDDQLFI
VLEFEFGGIDLEQMRTKLSSLATAKSILHQLTASLAVAEASLRFEHRDLHWGNVLLKKTSLKKLHYTLNGKSSTIPSCGL
QVSIIDYTLSRLERDGIVVFCDVSMDEDLFTGDGDYQFDIYRLMKKENNNRWGEYHPYSNVLWLHYLTDKMLKQMTFKTK
CNTPAMKQIKRKIQEFHRTMLNFSSATDLLCQHSLFK
;
_entity_poly.pdbx_strand_id   A
#
# COMPACT_ATOMS: atom_id res chain seq x y z
N ASN A 17 16.61 24.41 -12.35
CA ASN A 17 15.68 23.91 -11.30
C ASN A 17 14.58 24.93 -10.98
N LEU A 18 13.45 24.79 -11.67
CA LEU A 18 12.34 25.77 -11.60
C LEU A 18 10.99 25.06 -11.41
N TYR A 19 10.99 23.93 -10.71
CA TYR A 19 9.74 23.29 -10.28
C TYR A 19 9.54 23.50 -8.78
N PHE A 20 8.28 23.60 -8.34
CA PHE A 20 7.98 23.59 -6.89
C PHE A 20 7.94 22.20 -6.30
N GLN A 21 8.41 22.12 -5.06
CA GLN A 21 8.42 20.90 -4.31
C GLN A 21 6.97 20.45 -3.87
N SER A 22 6.86 19.16 -3.52
CA SER A 22 5.63 18.52 -3.01
C SER A 22 4.38 18.95 -3.76
N MET A 23 4.46 18.83 -5.09
CA MET A 23 3.29 19.01 -5.95
C MET A 23 2.74 20.43 -5.82
N GLY A 24 3.63 21.40 -5.53
CA GLY A 24 3.22 22.76 -5.35
C GLY A 24 2.73 23.11 -3.95
N GLU A 25 2.89 22.20 -2.98
CA GLU A 25 2.43 22.44 -1.56
C GLU A 25 3.65 22.69 -0.66
N CYS A 26 4.82 22.92 -1.27
CA CYS A 26 6.05 23.39 -0.58
C CYS A 26 6.59 24.56 -1.35
N SER A 27 7.07 25.58 -0.67
CA SER A 27 7.49 26.77 -1.33
C SER A 27 8.90 26.73 -1.95
N GLN A 28 9.67 25.69 -1.71
CA GLN A 28 11.00 25.55 -2.30
C GLN A 28 10.89 25.13 -3.75
N LYS A 29 11.86 25.61 -4.55
CA LYS A 29 11.94 25.32 -5.98
C LYS A 29 13.28 24.68 -6.27
N GLY A 30 13.27 23.66 -7.09
CA GLY A 30 14.49 22.89 -7.34
C GLY A 30 14.80 21.92 -6.21
N PRO A 31 15.83 21.06 -6.38
CA PRO A 31 16.09 20.04 -5.39
C PRO A 31 16.42 20.65 -4.02
N VAL A 32 16.07 19.92 -2.98
CA VAL A 32 16.38 20.31 -1.61
C VAL A 32 17.37 19.28 -1.01
N PRO A 33 18.09 19.68 0.05
CA PRO A 33 18.98 18.75 0.77
C PRO A 33 18.18 17.80 1.60
N PHE A 34 18.78 16.66 1.97
CA PHE A 34 18.11 15.73 2.84
C PHE A 34 17.57 16.44 4.11
N SER A 35 18.35 17.37 4.63
CA SER A 35 18.01 18.10 5.89
C SER A 35 16.69 18.86 5.79
N HIS A 36 16.22 19.17 4.57
CA HIS A 36 14.91 19.79 4.41
C HIS A 36 13.81 18.84 4.87
N CYS A 37 13.90 17.59 4.49
CA CYS A 37 12.96 16.56 4.82
C CYS A 37 13.22 15.94 6.16
N LEU A 38 14.51 15.92 6.57
CA LEU A 38 14.92 15.23 7.80
C LEU A 38 15.84 16.14 8.60
N PRO A 39 15.26 17.14 9.28
CA PRO A 39 16.04 17.98 10.19
C PRO A 39 16.61 17.10 11.29
N THR A 40 17.58 17.63 12.06
CA THR A 40 18.46 16.79 12.85
CA THR A 40 18.46 16.77 12.84
C THR A 40 17.69 15.82 13.78
N GLU A 41 16.69 16.31 14.49
CA GLU A 41 15.96 15.42 15.42
C GLU A 41 15.17 14.30 14.72
N LYS A 42 14.51 14.64 13.61
CA LYS A 42 13.78 13.68 12.78
C LYS A 42 14.73 12.66 12.20
N LEU A 43 15.90 13.12 11.79
CA LEU A 43 16.90 12.24 11.23
C LEU A 43 17.44 11.27 12.30
N GLN A 44 17.71 11.80 13.49
CA GLN A 44 18.25 10.99 14.59
C GLN A 44 17.27 9.91 15.04
N ARG A 45 15.97 10.10 14.84
CA ARG A 45 14.97 9.11 15.30
C ARG A 45 14.58 8.10 14.22
N CYS A 46 15.17 8.19 13.02
CA CYS A 46 14.88 7.23 11.98
C CYS A 46 15.35 5.81 12.33
N GLU A 47 14.42 4.87 12.14
CA GLU A 47 14.66 3.42 12.25
C GLU A 47 14.13 2.76 10.99
N LYS A 48 14.89 1.82 10.43
CA LYS A 48 14.45 1.20 9.19
C LYS A 48 13.32 0.21 9.45
N ILE A 49 12.28 0.26 8.63
CA ILE A 49 11.13 -0.63 8.78
C ILE A 49 10.88 -1.54 7.57
N GLY A 50 11.53 -1.30 6.44
CA GLY A 50 11.38 -2.20 5.33
C GLY A 50 12.14 -1.71 4.13
N GLU A 51 11.97 -2.43 3.00
CA GLU A 51 12.82 -2.23 1.84
C GLU A 51 12.18 -2.88 0.61
N GLY A 52 12.73 -2.55 -0.53
CA GLY A 52 12.51 -3.29 -1.77
C GLY A 52 13.58 -2.92 -2.77
N VAL A 53 13.42 -3.39 -4.03
CA VAL A 53 14.39 -3.04 -5.04
C VAL A 53 14.47 -1.52 -5.19
N PHE A 54 13.34 -0.85 -4.97
CA PHE A 54 13.26 0.62 -5.06
C PHE A 54 14.14 1.40 -4.15
N GLY A 55 14.57 0.79 -3.04
CA GLY A 55 15.19 1.53 -1.94
C GLY A 55 14.71 1.17 -0.56
N GLU A 56 14.48 2.19 0.30
CA GLU A 56 14.49 1.98 1.75
C GLU A 56 13.30 2.69 2.34
N VAL A 57 12.76 2.15 3.43
CA VAL A 57 11.68 2.82 4.20
C VAL A 57 12.05 2.90 5.68
N PHE A 58 11.96 4.11 6.25
CA PHE A 58 12.29 4.37 7.65
C PHE A 58 11.05 4.89 8.34
N GLN A 59 10.94 4.62 9.62
CA GLN A 59 9.92 5.26 10.48
CA GLN A 59 9.93 5.27 10.43
C GLN A 59 10.63 6.31 11.31
N THR A 60 9.99 7.46 11.50
CA THR A 60 10.54 8.46 12.41
C THR A 60 9.40 9.18 13.09
N ILE A 61 9.70 10.28 13.80
CA ILE A 61 8.70 11.05 14.54
C ILE A 61 8.73 12.50 14.10
N ALA A 62 7.53 13.05 13.81
CA ALA A 62 7.34 14.47 13.47
C ALA A 62 6.20 14.95 14.37
N ASP A 63 6.43 15.98 15.18
CA ASP A 63 5.40 16.54 16.06
C ASP A 63 4.69 15.44 16.87
N HIS A 64 5.55 14.61 17.52
CA HIS A 64 5.06 13.56 18.44
C HIS A 64 4.29 12.44 17.75
N THR A 65 4.36 12.38 16.43
CA THR A 65 3.55 11.47 15.65
C THR A 65 4.43 10.64 14.68
N PRO A 66 4.26 9.30 14.66
CA PRO A 66 5.05 8.51 13.74
C PRO A 66 4.68 8.79 12.29
N VAL A 67 5.70 8.72 11.45
CA VAL A 67 5.57 8.81 9.99
C VAL A 67 6.54 7.83 9.32
N ALA A 68 6.27 7.49 8.07
CA ALA A 68 7.14 6.62 7.26
C ALA A 68 7.78 7.42 6.16
N ILE A 69 9.07 7.21 5.96
CA ILE A 69 9.84 7.93 4.93
C ILE A 69 10.39 6.92 3.93
N LYS A 70 9.93 7.00 2.68
CA LYS A 70 10.38 6.13 1.59
C LYS A 70 11.28 6.91 0.65
N ILE A 71 12.46 6.36 0.41
CA ILE A 71 13.55 7.02 -0.30
C ILE A 71 13.96 6.20 -1.52
N ILE A 72 13.85 6.83 -2.70
CA ILE A 72 14.06 6.16 -3.99
C ILE A 72 15.08 7.00 -4.81
N ALA A 73 16.21 6.38 -5.17
CA ALA A 73 17.16 7.04 -6.11
C ALA A 73 16.59 7.14 -7.53
N ILE A 74 16.71 8.31 -8.16
CA ILE A 74 16.24 8.49 -9.50
C ILE A 74 17.30 9.17 -10.37
N GLU A 75 17.18 8.90 -11.68
CA GLU A 75 17.83 9.65 -12.79
C GLU A 75 19.29 9.32 -13.07
N GLY A 76 19.89 8.47 -12.25
CA GLY A 76 21.31 8.15 -12.40
C GLY A 76 21.50 6.95 -13.30
N PRO A 77 22.71 6.76 -13.79
CA PRO A 77 22.95 5.75 -14.84
C PRO A 77 23.32 4.38 -14.26
N ASP A 78 23.70 4.35 -13.00
CA ASP A 78 24.17 3.10 -12.49
CA ASP A 78 24.22 3.18 -12.23
C ASP A 78 23.16 2.25 -11.63
N LEU A 79 23.50 1.00 -11.40
CA LEU A 79 22.58 0.05 -10.77
C LEU A 79 22.45 0.35 -9.27
N VAL A 80 21.26 0.12 -8.75
CA VAL A 80 20.96 0.18 -7.32
C VAL A 80 20.13 -1.08 -7.00
N ASN A 81 20.62 -1.92 -6.09
CA ASN A 81 19.95 -3.15 -5.73
C ASN A 81 19.76 -4.05 -6.96
N GLY A 82 20.72 -3.97 -7.87
CA GLY A 82 20.76 -4.80 -9.08
C GLY A 82 19.96 -4.34 -10.29
N SER A 83 19.27 -3.20 -10.14
CA SER A 83 18.34 -2.69 -11.17
C SER A 83 18.70 -1.23 -11.51
N HIS A 84 18.41 -0.81 -12.74
CA HIS A 84 18.53 0.63 -13.08
C HIS A 84 17.58 1.47 -12.28
N GLN A 85 18.06 2.68 -11.95
CA GLN A 85 17.20 3.71 -11.33
C GLN A 85 16.13 4.15 -12.31
N LYS A 86 14.94 4.39 -11.80
CA LYS A 86 13.89 5.00 -12.60
C LYS A 86 14.22 6.46 -12.86
N THR A 87 13.70 6.95 -13.96
CA THR A 87 13.66 8.35 -14.19
C THR A 87 12.46 8.95 -13.47
N PHE A 88 12.46 10.28 -13.33
CA PHE A 88 11.32 10.95 -12.72
C PHE A 88 10.06 10.66 -13.56
N GLU A 89 10.20 10.63 -14.88
CA GLU A 89 9.02 10.42 -15.74
CA GLU A 89 9.06 10.38 -15.79
C GLU A 89 8.47 9.01 -15.50
N GLU A 90 9.35 8.05 -15.23
CA GLU A 90 8.94 6.68 -14.91
C GLU A 90 8.22 6.53 -13.56
N ILE A 91 8.58 7.30 -12.53
CA ILE A 91 8.03 7.25 -11.18
CA ILE A 91 7.87 7.12 -11.26
C ILE A 91 6.77 8.11 -11.02
N LEU A 92 6.66 9.13 -11.85
CA LEU A 92 5.54 10.07 -11.74
C LEU A 92 4.14 9.39 -11.72
N PRO A 93 3.86 8.42 -12.61
CA PRO A 93 2.54 7.76 -12.53
C PRO A 93 2.21 7.21 -11.16
N GLU A 94 3.16 6.58 -10.48
CA GLU A 94 2.89 6.07 -9.15
CA GLU A 94 2.91 6.05 -9.15
C GLU A 94 2.73 7.17 -8.10
N ILE A 95 3.44 8.31 -8.27
CA ILE A 95 3.22 9.44 -7.38
C ILE A 95 1.75 9.92 -7.53
N ILE A 96 1.29 10.09 -8.77
CA ILE A 96 -0.07 10.49 -9.11
C ILE A 96 -1.09 9.50 -8.46
N ILE A 97 -0.87 8.20 -8.63
CA ILE A 97 -1.79 7.21 -8.04
C ILE A 97 -1.84 7.31 -6.52
N SER A 98 -0.67 7.43 -5.89
CA SER A 98 -0.57 7.55 -4.43
C SER A 98 -1.35 8.75 -3.95
N LYS A 99 -1.17 9.88 -4.62
CA LYS A 99 -1.88 11.11 -4.23
CA LYS A 99 -1.86 11.10 -4.24
C LYS A 99 -3.39 11.00 -4.44
N GLU A 100 -3.82 10.49 -5.60
CA GLU A 100 -5.26 10.37 -5.86
C GLU A 100 -5.96 9.50 -4.77
N LEU A 101 -5.31 8.43 -4.40
CA LEU A 101 -5.85 7.53 -3.38
C LEU A 101 -5.89 8.14 -1.97
N SER A 102 -4.85 8.89 -1.66
CA SER A 102 -4.78 9.59 -0.39
C SER A 102 -5.88 10.64 -0.30
N LEU A 103 -6.13 11.34 -1.41
CA LEU A 103 -7.15 12.41 -1.48
C LEU A 103 -8.57 11.91 -1.28
N LEU A 104 -8.78 10.61 -1.44
CA LEU A 104 -10.11 10.08 -1.12
C LEU A 104 -10.53 10.29 0.33
N SER A 105 -9.59 10.49 1.24
CA SER A 105 -9.99 10.80 2.62
C SER A 105 -10.75 12.09 2.79
N GLY A 106 -10.62 13.05 1.84
CA GLY A 106 -11.26 14.35 1.95
C GLY A 106 -12.37 14.58 0.94
N GLU A 107 -12.72 13.53 0.20
CA GLU A 107 -13.82 13.64 -0.81
C GLU A 107 -15.18 13.48 -0.18
N VAL A 108 -16.23 13.59 -0.98
CA VAL A 108 -17.61 13.65 -0.50
C VAL A 108 -18.45 12.45 -0.95
N CYS A 109 -18.62 12.27 -2.25
CA CYS A 109 -19.49 11.18 -2.73
C CYS A 109 -18.79 9.81 -2.54
N ASN A 110 -17.49 9.79 -2.79
CA ASN A 110 -16.68 8.58 -2.62
C ASN A 110 -15.51 8.89 -1.73
N ARG A 111 -15.67 8.50 -0.45
CA ARG A 111 -14.72 8.87 0.60
CA ARG A 111 -14.73 8.89 0.63
C ARG A 111 -14.27 7.64 1.39
N THR A 112 -12.95 7.50 1.53
CA THR A 112 -12.38 6.45 2.36
C THR A 112 -11.01 6.93 2.88
N GLU A 113 -10.69 6.50 4.11
CA GLU A 113 -9.33 6.67 4.68
C GLU A 113 -8.48 5.42 4.56
N GLY A 114 -8.94 4.43 3.79
CA GLY A 114 -8.27 3.13 3.76
C GLY A 114 -7.05 2.96 2.91
N PHE A 115 -6.65 3.99 2.16
CA PHE A 115 -5.36 3.98 1.48
C PHE A 115 -4.35 4.75 2.29
N ILE A 116 -3.07 4.42 2.15
CA ILE A 116 -2.03 5.09 2.95
C ILE A 116 -1.99 6.60 2.66
N GLY A 117 -2.05 7.43 3.71
CA GLY A 117 -2.02 8.86 3.53
C GLY A 117 -0.65 9.38 3.11
N LEU A 118 -0.64 10.20 2.07
CA LEU A 118 0.58 10.86 1.59
C LEU A 118 0.70 12.26 2.12
N ASN A 119 1.68 12.52 3.00
CA ASN A 119 1.89 13.83 3.60
C ASN A 119 2.61 14.79 2.64
N SER A 120 3.68 14.33 1.99
CA SER A 120 4.51 15.19 1.16
C SER A 120 5.40 14.34 0.25
N VAL A 121 5.85 14.98 -0.79
CA VAL A 121 6.80 14.42 -1.80
CA VAL A 121 6.89 14.38 -1.64
C VAL A 121 7.88 15.44 -2.11
N HIS A 122 9.16 15.07 -2.01
CA HIS A 122 10.23 15.98 -2.35
C HIS A 122 11.24 15.31 -3.28
N CYS A 123 11.84 16.14 -4.11
CA CYS A 123 13.05 15.74 -4.83
C CYS A 123 14.29 16.28 -4.08
N VAL A 124 15.12 15.35 -3.62
CA VAL A 124 16.25 15.60 -2.74
C VAL A 124 17.52 15.33 -3.52
N GLN A 125 18.56 16.13 -3.27
CA GLN A 125 19.88 15.89 -3.88
CA GLN A 125 19.88 15.89 -3.89
C GLN A 125 20.95 15.79 -2.81
N GLY A 126 21.80 14.78 -2.94
CA GLY A 126 22.97 14.61 -2.06
C GLY A 126 23.35 13.18 -1.83
N SER A 127 24.47 13.01 -1.13
CA SER A 127 24.83 11.69 -0.67
CA SER A 127 24.90 11.73 -0.58
C SER A 127 23.97 11.24 0.51
N TYR A 128 23.94 9.93 0.72
CA TYR A 128 23.05 9.37 1.73
C TYR A 128 23.48 9.76 3.11
N PRO A 129 22.57 10.23 3.94
CA PRO A 129 22.97 10.63 5.26
C PRO A 129 23.58 9.51 6.11
N PRO A 130 24.75 9.76 6.74
CA PRO A 130 25.36 8.73 7.57
C PRO A 130 24.42 8.23 8.69
N LEU A 131 23.55 9.08 9.24
CA LEU A 131 22.62 8.59 10.28
C LEU A 131 21.61 7.55 9.72
N LEU A 132 21.19 7.69 8.47
CA LEU A 132 20.37 6.65 7.84
C LEU A 132 21.20 5.36 7.57
N LEU A 133 22.48 5.50 7.25
CA LEU A 133 23.32 4.29 7.09
C LEU A 133 23.40 3.50 8.38
N LYS A 134 23.55 4.23 9.48
CA LYS A 134 23.54 3.59 10.81
C LYS A 134 22.23 2.75 11.02
N ALA A 135 21.09 3.33 10.70
CA ALA A 135 19.79 2.65 10.83
C ALA A 135 19.71 1.45 9.85
N TRP A 136 20.25 1.66 8.66
CA TRP A 136 20.30 0.56 7.67
C TRP A 136 21.13 -0.62 8.21
N ASP A 137 22.26 -0.31 8.79
CA ASP A 137 23.15 -1.32 9.35
C ASP A 137 22.45 -2.09 10.46
N HIS A 138 21.74 -1.38 11.34
CA HIS A 138 21.07 -2.05 12.43
C HIS A 138 20.04 -3.07 11.94
N TYR A 139 19.27 -2.70 10.89
CA TYR A 139 18.29 -3.59 10.28
C TYR A 139 19.00 -4.82 9.63
N ASN A 140 20.12 -4.54 8.98
CA ASN A 140 20.89 -5.60 8.32
C ASN A 140 21.38 -6.64 9.34
N SER A 141 21.79 -6.17 10.51
CA SER A 141 22.33 -7.02 11.58
CA SER A 141 22.33 -7.06 11.52
C SER A 141 21.24 -7.81 12.29
N THR A 142 20.01 -7.30 12.30
CA THR A 142 18.90 -7.93 13.02
C THR A 142 17.96 -8.74 12.14
N LYS A 143 17.53 -8.18 11.01
CA LYS A 143 16.58 -8.85 10.12
C LYS A 143 17.27 -9.37 8.84
N GLY A 144 18.36 -8.74 8.44
CA GLY A 144 19.03 -9.05 7.17
C GLY A 144 18.39 -8.34 5.98
N SER A 145 19.23 -7.87 5.06
CA SER A 145 18.76 -7.08 3.92
C SER A 145 19.11 -7.78 2.60
N ALA A 146 18.24 -7.61 1.61
CA ALA A 146 18.51 -8.04 0.24
C ALA A 146 19.20 -6.94 -0.58
N ASN A 147 19.32 -5.74 -0.01
CA ASN A 147 19.78 -4.57 -0.73
C ASN A 147 21.27 -4.24 -0.55
N ASP A 148 21.79 -3.44 -1.47
CA ASP A 148 23.11 -2.85 -1.33
C ASP A 148 23.06 -1.84 -0.18
N ARG A 149 24.10 -1.80 0.62
CA ARG A 149 24.25 -0.70 1.55
C ARG A 149 24.35 0.63 0.80
N PRO A 150 23.46 1.62 1.14
CA PRO A 150 23.34 2.78 0.24
C PRO A 150 24.37 3.88 0.53
N ASP A 151 25.67 3.52 0.51
CA ASP A 151 26.71 4.41 0.89
C ASP A 151 27.57 4.86 -0.29
N PHE A 152 27.13 4.52 -1.49
CA PHE A 152 27.92 4.72 -2.73
C PHE A 152 27.41 5.90 -3.54
N PHE A 153 26.33 6.55 -3.09
CA PHE A 153 25.75 7.70 -3.81
C PHE A 153 26.61 8.95 -3.65
N LYS A 154 26.72 9.71 -4.72
CA LYS A 154 27.55 10.91 -4.78
CA LYS A 154 27.55 10.91 -4.71
C LYS A 154 26.69 12.16 -4.54
N ASP A 155 27.32 13.30 -4.41
CA ASP A 155 26.64 14.55 -4.05
C ASP A 155 25.72 15.12 -5.13
N ASP A 156 25.76 14.55 -6.33
CA ASP A 156 24.82 14.90 -7.39
C ASP A 156 23.61 14.00 -7.47
N GLN A 157 23.53 12.99 -6.65
CA GLN A 157 22.45 12.02 -6.76
C GLN A 157 21.11 12.62 -6.40
N LEU A 158 20.11 12.36 -7.25
CA LEU A 158 18.73 12.76 -6.94
C LEU A 158 17.95 11.60 -6.34
N PHE A 159 16.99 11.93 -5.46
CA PHE A 159 16.09 10.97 -4.84
C PHE A 159 14.69 11.56 -4.83
N ILE A 160 13.69 10.70 -4.87
CA ILE A 160 12.33 11.07 -4.44
C ILE A 160 12.16 10.56 -3.01
N VAL A 161 11.77 11.48 -2.11
CA VAL A 161 11.56 11.20 -0.71
C VAL A 161 10.07 11.44 -0.42
N LEU A 162 9.36 10.37 -0.06
CA LEU A 162 7.92 10.40 0.19
C LEU A 162 7.70 10.24 1.69
N GLU A 163 6.89 11.12 2.31
CA GLU A 163 6.50 10.98 3.69
C GLU A 163 5.06 10.53 3.71
N PHE A 164 4.84 9.33 4.26
CA PHE A 164 3.48 8.79 4.46
C PHE A 164 3.10 8.80 5.92
N GLU A 165 1.80 8.84 6.21
CA GLU A 165 1.36 8.56 7.56
CA GLU A 165 1.33 8.51 7.55
C GLU A 165 1.86 7.15 7.94
N PHE A 166 2.16 6.93 9.20
CA PHE A 166 2.58 5.60 9.63
C PHE A 166 1.36 4.69 9.64
N GLY A 167 1.48 3.53 9.00
CA GLY A 167 0.34 2.64 8.76
C GLY A 167 0.36 1.43 9.67
N GLY A 168 1.40 1.24 10.49
CA GLY A 168 1.49 0.04 11.31
C GLY A 168 2.38 -1.04 10.79
N ILE A 169 1.87 -2.28 10.89
CA ILE A 169 2.62 -3.51 10.55
CA ILE A 169 2.67 -3.43 10.48
C ILE A 169 1.84 -4.29 9.50
N ASP A 170 2.52 -4.94 8.56
CA ASP A 170 1.80 -5.69 7.53
C ASP A 170 1.12 -6.99 8.03
N LEU A 171 0.11 -7.39 7.29
CA LEU A 171 -0.76 -8.54 7.65
C LEU A 171 0.06 -9.85 7.76
N GLU A 172 1.04 -10.03 6.87
CA GLU A 172 1.90 -11.22 6.91
C GLU A 172 2.67 -11.24 8.22
N GLN A 173 3.20 -10.08 8.65
CA GLN A 173 3.93 -10.02 9.90
C GLN A 173 3.03 -10.14 11.14
N MET A 174 1.73 -9.96 10.97
CA MET A 174 0.74 -10.14 12.01
C MET A 174 0.09 -11.54 11.94
N ARG A 175 0.75 -12.47 11.23
CA ARG A 175 0.19 -13.83 11.01
C ARG A 175 -0.25 -14.49 12.31
N THR A 176 0.49 -14.27 13.40
CA THR A 176 0.15 -14.91 14.68
C THR A 176 -0.38 -13.95 15.76
N LYS A 177 -0.73 -12.74 15.38
CA LYS A 177 -0.96 -11.68 16.36
C LYS A 177 -2.41 -11.18 16.50
N LEU A 178 -3.31 -11.57 15.61
CA LEU A 178 -4.70 -11.08 15.61
C LEU A 178 -5.54 -11.82 16.62
N SER A 179 -6.52 -11.12 17.20
CA SER A 179 -7.35 -11.66 18.27
CA SER A 179 -7.34 -11.69 18.28
C SER A 179 -8.18 -12.89 17.84
N SER A 180 -8.96 -12.72 16.77
CA SER A 180 -9.89 -13.77 16.29
C SER A 180 -10.36 -13.57 14.87
N LEU A 181 -11.13 -14.53 14.36
CA LEU A 181 -11.71 -14.35 13.01
C LEU A 181 -12.70 -13.16 12.90
N ALA A 182 -13.23 -12.65 14.02
CA ALA A 182 -13.99 -11.39 13.99
C ALA A 182 -13.14 -10.21 13.49
N THR A 183 -11.89 -10.21 13.97
CA THR A 183 -10.91 -9.27 13.46
C THR A 183 -10.64 -9.43 11.97
N ALA A 184 -10.52 -10.68 11.51
CA ALA A 184 -10.38 -10.97 10.11
C ALA A 184 -11.54 -10.43 9.32
N LYS A 185 -12.77 -10.58 9.84
CA LYS A 185 -13.94 -10.05 9.17
C LYS A 185 -13.82 -8.51 8.99
N SER A 186 -13.41 -7.82 10.03
CA SER A 186 -13.30 -6.36 9.96
C SER A 186 -12.30 -6.00 8.88
N ILE A 187 -11.19 -6.72 8.86
CA ILE A 187 -10.11 -6.41 7.91
C ILE A 187 -10.63 -6.58 6.51
N LEU A 188 -11.29 -7.71 6.25
CA LEU A 188 -11.85 -7.94 4.92
C LEU A 188 -12.91 -6.88 4.54
N HIS A 189 -13.76 -6.48 5.48
CA HIS A 189 -14.75 -5.48 5.22
C HIS A 189 -14.11 -4.10 4.92
N GLN A 190 -13.09 -3.75 5.68
CA GLN A 190 -12.35 -2.50 5.44
C GLN A 190 -11.71 -2.48 4.04
N LEU A 191 -11.07 -3.58 3.66
CA LEU A 191 -10.46 -3.68 2.38
C LEU A 191 -11.48 -3.59 1.25
N THR A 192 -12.58 -4.32 1.38
CA THR A 192 -13.63 -4.34 0.37
C THR A 192 -14.21 -2.92 0.18
N ALA A 193 -14.45 -2.22 1.29
CA ALA A 193 -15.00 -0.87 1.21
C ALA A 193 -14.02 0.07 0.54
N SER A 194 -12.73 0.02 0.92
CA SER A 194 -11.76 0.94 0.32
C SER A 194 -11.63 0.73 -1.18
N LEU A 195 -11.55 -0.53 -1.60
CA LEU A 195 -11.50 -0.89 -3.01
C LEU A 195 -12.75 -0.45 -3.76
N ALA A 196 -13.94 -0.62 -3.14
CA ALA A 196 -15.19 -0.19 -3.77
C ALA A 196 -15.23 1.30 -4.00
N VAL A 197 -14.85 2.06 -2.99
CA VAL A 197 -14.84 3.53 -3.11
C VAL A 197 -13.87 3.96 -4.21
N ALA A 198 -12.70 3.34 -4.29
CA ALA A 198 -11.75 3.68 -5.37
C ALA A 198 -12.21 3.24 -6.76
N GLU A 199 -12.93 2.11 -6.85
CA GLU A 199 -13.61 1.69 -8.10
C GLU A 199 -14.58 2.76 -8.54
N ALA A 200 -15.40 3.24 -7.59
CA ALA A 200 -16.47 4.19 -7.92
C ALA A 200 -15.94 5.58 -8.36
N SER A 201 -14.86 6.00 -7.69
CA SER A 201 -14.26 7.33 -7.86
CA SER A 201 -14.29 7.32 -7.88
C SER A 201 -13.27 7.40 -9.05
N LEU A 202 -12.48 6.34 -9.21
CA LEU A 202 -11.25 6.37 -10.01
C LEU A 202 -11.12 5.17 -11.00
N ARG A 203 -12.13 4.29 -11.03
CA ARG A 203 -12.02 3.05 -11.82
C ARG A 203 -10.65 2.36 -11.51
N PHE A 204 -10.41 2.19 -10.25
CA PHE A 204 -9.17 1.70 -9.67
C PHE A 204 -9.14 0.17 -9.56
N GLU A 205 -8.02 -0.40 -10.00
CA GLU A 205 -7.61 -1.72 -9.68
C GLU A 205 -6.24 -1.71 -9.02
N HIS A 206 -6.12 -2.38 -7.86
CA HIS A 206 -4.84 -2.45 -7.17
C HIS A 206 -3.83 -3.30 -7.90
N ARG A 207 -4.25 -4.52 -8.23
CA ARG A 207 -3.52 -5.51 -9.05
C ARG A 207 -2.33 -6.22 -8.37
N ASP A 208 -2.08 -5.94 -7.09
CA ASP A 208 -0.97 -6.61 -6.38
C ASP A 208 -1.15 -6.65 -4.88
N LEU A 209 -2.37 -6.98 -4.43
CA LEU A 209 -2.73 -6.82 -3.02
C LEU A 209 -2.49 -8.11 -2.22
N HIS A 210 -1.24 -8.52 -2.27
CA HIS A 210 -0.78 -9.62 -1.43
C HIS A 210 -0.66 -9.15 0.02
N TRP A 211 -0.45 -10.09 0.93
CA TRP A 211 -0.60 -9.76 2.37
C TRP A 211 0.52 -8.93 2.92
N GLY A 212 1.59 -8.71 2.14
CA GLY A 212 2.59 -7.72 2.50
C GLY A 212 2.14 -6.28 2.30
N ASN A 213 1.05 -6.10 1.54
CA ASN A 213 0.59 -4.76 1.14
C ASN A 213 -0.68 -4.27 1.85
N VAL A 214 -1.02 -4.94 2.93
CA VAL A 214 -2.11 -4.61 3.82
C VAL A 214 -1.48 -4.30 5.18
N LEU A 215 -1.64 -3.05 5.66
CA LEU A 215 -1.11 -2.64 6.95
C LEU A 215 -2.18 -2.51 8.00
N LEU A 216 -1.80 -2.83 9.22
CA LEU A 216 -2.70 -2.76 10.38
C LEU A 216 -2.09 -1.91 11.48
N LYS A 217 -2.91 -0.99 12.02
CA LYS A 217 -2.53 -0.23 13.19
C LYS A 217 -3.70 -0.10 14.16
N LYS A 218 -3.39 0.03 15.44
CA LYS A 218 -4.42 0.23 16.47
C LYS A 218 -5.18 1.51 16.26
N THR A 219 -6.49 1.45 16.50
CA THR A 219 -7.29 2.66 16.56
C THR A 219 -8.20 2.60 17.79
N SER A 220 -8.44 3.77 18.39
CA SER A 220 -9.43 3.85 19.47
C SER A 220 -10.88 4.01 18.91
N LEU A 221 -11.03 4.24 17.63
CA LEU A 221 -12.39 4.34 17.02
C LEU A 221 -13.06 2.96 17.02
N LYS A 222 -14.31 2.90 17.47
CA LYS A 222 -15.05 1.64 17.45
C LYS A 222 -15.62 1.34 16.08
N LYS A 223 -15.93 2.37 15.30
CA LYS A 223 -16.43 2.19 13.93
C LYS A 223 -15.64 3.11 13.00
N LEU A 224 -15.39 2.61 11.82
CA LEU A 224 -14.78 3.38 10.73
C LEU A 224 -15.85 3.81 9.73
N HIS A 225 -15.64 4.96 9.10
CA HIS A 225 -16.66 5.57 8.21
C HIS A 225 -16.21 5.62 6.79
N TYR A 226 -17.12 5.30 5.87
CA TYR A 226 -16.85 5.49 4.42
C TYR A 226 -18.12 5.98 3.75
N THR A 227 -17.98 6.54 2.56
CA THR A 227 -19.10 6.94 1.72
C THR A 227 -18.90 6.39 0.31
N LEU A 228 -19.90 5.67 -0.20
CA LEU A 228 -19.85 5.05 -1.55
C LEU A 228 -21.01 5.62 -2.35
N ASN A 229 -20.72 6.35 -3.42
CA ASN A 229 -21.73 6.97 -4.25
C ASN A 229 -22.81 7.74 -3.48
N GLY A 230 -22.36 8.55 -2.51
CA GLY A 230 -23.20 9.41 -1.75
C GLY A 230 -23.85 8.76 -0.53
N LYS A 231 -23.69 7.44 -0.37
CA LYS A 231 -24.29 6.68 0.75
C LYS A 231 -23.23 6.37 1.80
N SER A 232 -23.36 6.93 2.99
CA SER A 232 -22.42 6.67 4.08
C SER A 232 -22.80 5.48 4.95
N SER A 233 -21.77 4.75 5.38
CA SER A 233 -21.92 3.59 6.23
CA SER A 233 -21.98 3.68 6.33
C SER A 233 -20.74 3.49 7.18
N THR A 234 -20.82 2.52 8.09
CA THR A 234 -19.74 2.31 9.07
C THR A 234 -19.34 0.84 9.10
N ILE A 235 -18.15 0.59 9.60
CA ILE A 235 -17.59 -0.74 9.74
C ILE A 235 -17.01 -0.91 11.15
N PRO A 236 -17.46 -1.91 11.93
CA PRO A 236 -16.83 -2.08 13.26
C PRO A 236 -15.33 -2.37 13.08
N SER A 237 -14.50 -1.65 13.83
CA SER A 237 -13.04 -1.71 13.64
C SER A 237 -12.35 -2.92 14.23
N CYS A 238 -12.94 -3.50 15.28
CA CYS A 238 -12.21 -4.49 16.12
C CYS A 238 -10.85 -3.94 16.57
N GLY A 239 -10.77 -2.62 16.75
CA GLY A 239 -9.61 -1.96 17.26
C GLY A 239 -8.45 -1.80 16.29
N LEU A 240 -8.68 -2.04 15.00
CA LEU A 240 -7.65 -1.88 13.97
C LEU A 240 -8.14 -1.03 12.79
N GLN A 241 -7.20 -0.23 12.26
CA GLN A 241 -7.46 0.49 11.02
CA GLN A 241 -7.40 0.55 11.03
C GLN A 241 -6.53 -0.07 9.95
N VAL A 242 -7.12 -0.43 8.82
CA VAL A 242 -6.38 -1.01 7.68
C VAL A 242 -5.92 0.12 6.72
N SER A 243 -4.68 0.01 6.22
CA SER A 243 -4.21 0.90 5.14
C SER A 243 -3.64 0.02 4.01
N ILE A 244 -4.04 0.30 2.79
CA ILE A 244 -3.53 -0.32 1.59
C ILE A 244 -2.33 0.45 1.06
N ILE A 245 -1.28 -0.30 0.64
CA ILE A 245 -0.04 0.27 0.11
C ILE A 245 0.31 -0.44 -1.22
N ASP A 246 1.33 0.11 -1.93
CA ASP A 246 1.99 -0.53 -3.09
C ASP A 246 1.21 -0.45 -4.38
N TYR A 247 1.57 0.54 -5.18
CA TYR A 247 0.80 0.78 -6.40
C TYR A 247 1.62 0.43 -7.67
N THR A 248 2.63 -0.44 -7.50
CA THR A 248 3.51 -0.84 -8.60
C THR A 248 2.72 -1.29 -9.85
N LEU A 249 1.67 -2.06 -9.64
CA LEU A 249 0.90 -2.63 -10.77
C LEU A 249 -0.47 -1.95 -10.97
N SER A 250 -0.78 -0.94 -10.15
CA SER A 250 -2.14 -0.39 -10.11
C SER A 250 -2.54 0.40 -11.36
N ARG A 251 -3.85 0.57 -11.51
CA ARG A 251 -4.46 1.23 -12.65
C ARG A 251 -5.61 2.12 -12.15
N LEU A 252 -5.72 3.34 -12.67
CA LEU A 252 -6.86 4.17 -12.39
C LEU A 252 -7.04 5.19 -13.52
N GLU A 253 -8.10 5.98 -13.45
CA GLU A 253 -8.30 6.99 -14.49
C GLU A 253 -8.96 8.25 -13.93
N ARG A 254 -8.75 9.38 -14.62
CA ARG A 254 -9.46 10.58 -14.29
C ARG A 254 -9.77 11.34 -15.59
N ASP A 255 -11.04 11.75 -15.74
CA ASP A 255 -11.52 12.44 -16.97
C ASP A 255 -11.02 11.73 -18.24
N GLY A 256 -11.17 10.41 -18.21
CA GLY A 256 -10.77 9.54 -19.32
C GLY A 256 -9.30 9.33 -19.57
N ILE A 257 -8.41 9.86 -18.74
CA ILE A 257 -6.98 9.61 -18.91
C ILE A 257 -6.57 8.46 -17.96
N VAL A 258 -6.03 7.34 -18.50
CA VAL A 258 -5.70 6.11 -17.72
C VAL A 258 -4.22 6.06 -17.37
N VAL A 259 -3.93 5.85 -16.10
CA VAL A 259 -2.59 5.62 -15.60
C VAL A 259 -2.52 4.14 -15.16
N PHE A 260 -1.57 3.37 -15.71
CA PHE A 260 -1.45 1.95 -15.41
C PHE A 260 -0.05 1.45 -15.72
N CYS A 261 0.30 0.31 -15.13
CA CYS A 261 1.56 -0.35 -15.45
C CYS A 261 1.33 -1.40 -16.53
N ASP A 262 1.96 -1.21 -17.68
CA ASP A 262 1.78 -2.10 -18.83
C ASP A 262 2.69 -3.32 -18.68
N VAL A 263 2.11 -4.44 -18.27
CA VAL A 263 2.86 -5.71 -18.03
C VAL A 263 2.57 -6.73 -19.15
N SER A 264 2.06 -6.23 -20.27
CA SER A 264 1.62 -7.10 -21.37
C SER A 264 2.78 -7.92 -21.95
N MET A 265 4.00 -7.41 -21.85
CA MET A 265 5.17 -8.12 -22.40
C MET A 265 6.07 -8.71 -21.31
N ASP A 266 5.66 -8.57 -20.06
CA ASP A 266 6.38 -9.16 -18.96
C ASP A 266 6.10 -10.66 -19.01
N GLU A 267 7.12 -11.47 -18.76
CA GLU A 267 6.95 -12.93 -18.77
C GLU A 267 6.93 -13.49 -17.34
N ASP A 268 7.94 -13.09 -16.56
CA ASP A 268 8.19 -13.68 -15.23
C ASP A 268 7.07 -13.46 -14.20
N LEU A 269 6.32 -12.36 -14.35
CA LEU A 269 5.20 -12.06 -13.46
C LEU A 269 4.19 -13.21 -13.44
N PHE A 270 4.08 -13.93 -14.57
CA PHE A 270 3.04 -14.96 -14.78
C PHE A 270 3.53 -16.38 -14.68
N THR A 271 4.79 -16.56 -14.29
CA THR A 271 5.38 -17.89 -14.17
C THR A 271 5.72 -18.25 -12.73
N GLY A 272 5.16 -17.52 -11.75
CA GLY A 272 5.42 -17.83 -10.33
C GLY A 272 4.76 -19.11 -9.87
N ASP A 273 5.24 -19.63 -8.73
CA ASP A 273 4.68 -20.85 -8.17
CA ASP A 273 4.84 -20.95 -8.20
C ASP A 273 4.83 -20.90 -6.66
N GLY A 274 4.00 -21.72 -6.04
CA GLY A 274 4.13 -22.02 -4.61
C GLY A 274 3.28 -21.22 -3.65
N ASP A 275 2.41 -20.37 -4.19
CA ASP A 275 1.51 -19.58 -3.35
C ASP A 275 0.38 -19.20 -4.30
N TYR A 276 -0.84 -19.15 -3.78
CA TYR A 276 -2.00 -18.69 -4.59
C TYR A 276 -1.76 -17.28 -5.17
N GLN A 277 -0.93 -16.49 -4.51
CA GLN A 277 -0.55 -15.17 -5.03
C GLN A 277 -0.17 -15.20 -6.52
N PHE A 278 0.65 -16.20 -6.89
CA PHE A 278 1.13 -16.27 -8.23
C PHE A 278 0.09 -16.72 -9.25
N ASP A 279 -0.95 -17.40 -8.78
CA ASP A 279 -2.09 -17.70 -9.63
C ASP A 279 -2.89 -16.44 -9.94
N ILE A 280 -2.97 -15.54 -8.97
CA ILE A 280 -3.77 -14.33 -9.18
C ILE A 280 -3.25 -13.52 -10.39
N TYR A 281 -1.92 -13.46 -10.57
CA TYR A 281 -1.36 -12.74 -11.76
C TYR A 281 -1.87 -13.40 -13.06
N ARG A 282 -1.90 -14.72 -13.08
CA ARG A 282 -2.40 -15.45 -14.26
C ARG A 282 -3.90 -15.26 -14.47
N LEU A 283 -4.67 -15.27 -13.36
CA LEU A 283 -6.10 -15.12 -13.44
C LEU A 283 -6.49 -13.71 -13.86
N MET A 284 -5.70 -12.70 -13.43
CA MET A 284 -5.86 -11.36 -13.95
C MET A 284 -5.68 -11.26 -15.48
N LYS A 285 -4.63 -11.88 -15.99
CA LYS A 285 -4.31 -11.86 -17.42
C LYS A 285 -5.41 -12.57 -18.25
N LYS A 286 -5.99 -13.62 -17.67
CA LYS A 286 -7.13 -14.30 -18.26
C LYS A 286 -8.34 -13.38 -18.36
N GLU A 287 -8.69 -12.72 -17.25
CA GLU A 287 -9.82 -11.81 -17.19
C GLU A 287 -9.71 -10.65 -18.20
N ASN A 288 -8.50 -10.08 -18.36
CA ASN A 288 -8.31 -8.88 -19.19
C ASN A 288 -7.72 -9.11 -20.61
N ASN A 289 -7.57 -10.38 -20.99
CA ASN A 289 -7.01 -10.73 -22.29
C ASN A 289 -5.66 -10.07 -22.57
N ASN A 290 -4.86 -9.92 -21.51
CA ASN A 290 -3.56 -9.25 -21.54
C ASN A 290 -3.59 -7.77 -21.98
N ARG A 291 -4.72 -7.12 -21.78
CA ARG A 291 -4.88 -5.70 -22.09
C ARG A 291 -5.07 -4.90 -20.79
N TRP A 292 -3.98 -4.32 -20.30
CA TRP A 292 -3.88 -3.82 -18.93
C TRP A 292 -4.38 -2.41 -18.78
N GLY A 293 -4.61 -1.73 -19.91
CA GLY A 293 -5.23 -0.40 -19.85
C GLY A 293 -6.73 -0.45 -19.67
N GLU A 294 -7.37 -1.59 -19.95
CA GLU A 294 -8.81 -1.71 -19.75
C GLU A 294 -9.13 -1.72 -18.24
N TYR A 295 -10.40 -1.48 -17.92
CA TYR A 295 -10.89 -1.56 -16.53
C TYR A 295 -11.62 -2.89 -16.35
N HIS A 296 -11.03 -3.73 -15.49
CA HIS A 296 -11.58 -5.02 -15.04
C HIS A 296 -11.56 -5.11 -13.53
N PRO A 297 -12.59 -4.53 -12.89
CA PRO A 297 -12.62 -4.51 -11.42
C PRO A 297 -12.76 -5.90 -10.79
N TYR A 298 -13.00 -6.92 -11.60
CA TYR A 298 -12.91 -8.30 -11.08
C TYR A 298 -11.55 -8.61 -10.47
N SER A 299 -10.49 -7.95 -10.93
CA SER A 299 -9.18 -8.19 -10.31
C SER A 299 -9.16 -7.85 -8.82
N ASN A 300 -9.92 -6.84 -8.39
CA ASN A 300 -10.06 -6.54 -6.97
C ASN A 300 -10.70 -7.71 -6.21
N VAL A 301 -11.69 -8.34 -6.83
CA VAL A 301 -12.33 -9.54 -6.22
C VAL A 301 -11.33 -10.70 -6.11
N LEU A 302 -10.51 -10.92 -7.16
CA LEU A 302 -9.49 -11.96 -7.14
C LEU A 302 -8.54 -11.74 -5.92
N TRP A 303 -8.07 -10.51 -5.73
CA TRP A 303 -7.19 -10.25 -4.62
C TRP A 303 -7.88 -10.41 -3.29
N LEU A 304 -9.13 -9.96 -3.19
CA LEU A 304 -9.88 -10.16 -1.93
C LEU A 304 -10.07 -11.66 -1.64
N HIS A 305 -10.23 -12.48 -2.68
CA HIS A 305 -10.34 -13.92 -2.49
C HIS A 305 -9.00 -14.51 -1.98
N TYR A 306 -7.87 -14.10 -2.58
CA TYR A 306 -6.56 -14.47 -2.10
C TYR A 306 -6.38 -14.09 -0.60
N LEU A 307 -6.82 -12.89 -0.23
CA LEU A 307 -6.73 -12.45 1.16
C LEU A 307 -7.60 -13.29 2.13
N THR A 308 -8.80 -13.57 1.70
CA THR A 308 -9.75 -14.39 2.50
C THR A 308 -9.12 -15.79 2.70
N ASP A 309 -8.54 -16.32 1.61
CA ASP A 309 -7.80 -17.59 1.61
C ASP A 309 -6.65 -17.58 2.63
N LYS A 310 -5.88 -16.50 2.66
CA LYS A 310 -4.83 -16.35 3.71
C LYS A 310 -5.41 -16.34 5.12
N MET A 311 -6.53 -15.65 5.30
CA MET A 311 -7.19 -15.53 6.63
CA MET A 311 -7.07 -15.59 6.64
C MET A 311 -7.58 -16.93 7.16
N LEU A 312 -8.10 -17.75 6.26
CA LEU A 312 -8.61 -19.06 6.65
C LEU A 312 -7.55 -20.14 6.75
N LYS A 313 -6.46 -20.02 6.00
CA LYS A 313 -5.47 -21.09 5.87
C LYS A 313 -4.09 -20.80 6.48
N GLN A 314 -3.69 -19.53 6.58
CA GLN A 314 -2.33 -19.19 6.99
C GLN A 314 -2.25 -18.36 8.25
N MET A 315 -3.31 -17.67 8.61
CA MET A 315 -3.35 -16.88 9.84
C MET A 315 -3.67 -17.84 11.00
N THR A 316 -3.16 -17.51 12.19
CA THR A 316 -3.52 -18.29 13.40
C THR A 316 -3.86 -17.25 14.47
N PHE A 317 -5.00 -17.46 15.12
CA PHE A 317 -5.60 -16.45 15.97
C PHE A 317 -5.43 -16.77 17.46
N LYS A 318 -5.30 -15.72 18.26
CA LYS A 318 -5.07 -15.85 19.67
C LYS A 318 -6.23 -16.55 20.36
N THR A 319 -7.45 -16.21 19.90
CA THR A 319 -8.68 -16.83 20.41
C THR A 319 -9.41 -17.51 19.26
N LYS A 320 -9.61 -18.81 19.35
CA LYS A 320 -10.30 -19.56 18.32
C LYS A 320 -11.79 -19.33 18.44
N CYS A 321 -12.55 -19.91 17.50
CA CYS A 321 -14.00 -19.74 17.47
C CYS A 321 -14.67 -20.80 18.37
N ASN A 322 -14.84 -20.47 19.65
CA ASN A 322 -15.18 -21.42 20.63
C ASN A 322 -16.68 -21.53 20.86
N THR A 323 -17.40 -20.44 20.65
CA THR A 323 -18.84 -20.36 20.89
C THR A 323 -19.61 -20.50 19.57
N PRO A 324 -20.89 -20.88 19.65
CA PRO A 324 -21.64 -20.88 18.36
C PRO A 324 -21.68 -19.56 17.60
N ALA A 325 -21.74 -18.41 18.29
CA ALA A 325 -21.66 -17.14 17.57
C ALA A 325 -20.34 -16.95 16.76
N MET A 326 -19.21 -17.31 17.36
CA MET A 326 -17.94 -17.17 16.69
C MET A 326 -17.81 -18.25 15.61
N LYS A 327 -18.30 -19.46 15.87
CA LYS A 327 -18.29 -20.53 14.85
C LYS A 327 -19.12 -20.08 13.65
N GLN A 328 -20.16 -19.30 13.90
CA GLN A 328 -20.95 -18.79 12.79
CA GLN A 328 -20.96 -18.77 12.80
C GLN A 328 -20.20 -17.77 11.95
N ILE A 329 -19.44 -16.87 12.58
CA ILE A 329 -18.55 -16.00 11.86
C ILE A 329 -17.57 -16.75 11.01
N LYS A 330 -16.94 -17.76 11.56
CA LYS A 330 -16.06 -18.59 10.80
C LYS A 330 -16.73 -19.20 9.58
N ARG A 331 -17.90 -19.77 9.80
CA ARG A 331 -18.68 -20.36 8.70
C ARG A 331 -19.00 -19.35 7.64
N LYS A 332 -19.33 -18.12 8.05
CA LYS A 332 -19.67 -17.05 7.07
C LYS A 332 -18.46 -16.58 6.29
N ILE A 333 -17.30 -16.55 6.92
CA ILE A 333 -16.09 -16.25 6.18
C ILE A 333 -15.72 -17.39 5.18
N GLN A 334 -15.95 -18.64 5.60
CA GLN A 334 -15.81 -19.79 4.67
C GLN A 334 -16.80 -19.65 3.50
N GLU A 335 -18.03 -19.26 3.82
CA GLU A 335 -19.04 -19.04 2.74
C GLU A 335 -18.63 -17.89 1.79
N PHE A 336 -18.07 -16.82 2.32
CA PHE A 336 -17.52 -15.71 1.53
C PHE A 336 -16.46 -16.24 0.58
N HIS A 337 -15.54 -17.05 1.11
CA HIS A 337 -14.47 -17.68 0.31
C HIS A 337 -15.01 -18.48 -0.87
N ARG A 338 -16.11 -19.20 -0.66
CA ARG A 338 -16.72 -20.09 -1.66
C ARG A 338 -17.59 -19.38 -2.70
N THR A 339 -18.07 -18.17 -2.37
CA THR A 339 -19.07 -17.46 -3.17
C THR A 339 -18.57 -16.16 -3.83
N MET A 340 -17.57 -15.55 -3.24
CA MET A 340 -17.17 -14.19 -3.66
C MET A 340 -16.70 -14.09 -5.13
N LEU A 341 -16.16 -15.18 -5.70
CA LEU A 341 -15.67 -15.15 -7.09
C LEU A 341 -16.80 -15.03 -8.08
N ASN A 342 -18.05 -15.18 -7.61
CA ASN A 342 -19.23 -14.92 -8.40
C ASN A 342 -19.77 -13.49 -8.35
N PHE A 343 -18.95 -12.53 -7.85
CA PHE A 343 -19.28 -11.12 -7.84
C PHE A 343 -18.36 -10.38 -8.82
N SER A 344 -18.82 -9.26 -9.35
CA SER A 344 -18.12 -8.63 -10.49
C SER A 344 -17.06 -7.56 -10.09
N SER A 345 -17.04 -7.14 -8.85
CA SER A 345 -16.24 -5.99 -8.42
C SER A 345 -16.27 -5.93 -6.91
N ALA A 346 -15.36 -5.15 -6.30
CA ALA A 346 -15.44 -4.90 -4.84
C ALA A 346 -16.76 -4.16 -4.52
N THR A 347 -17.25 -3.31 -5.43
CA THR A 347 -18.48 -2.58 -5.23
C THR A 347 -19.64 -3.58 -5.09
N ASP A 348 -19.71 -4.55 -6.00
CA ASP A 348 -20.74 -5.62 -6.01
CA ASP A 348 -20.80 -5.49 -5.95
C ASP A 348 -20.70 -6.40 -4.68
N LEU A 349 -19.48 -6.80 -4.30
CA LEU A 349 -19.30 -7.51 -3.03
C LEU A 349 -19.85 -6.68 -1.88
N LEU A 350 -19.40 -5.42 -1.76
CA LEU A 350 -19.77 -4.60 -0.62
C LEU A 350 -21.31 -4.44 -0.54
N CYS A 351 -21.91 -4.16 -1.69
CA CYS A 351 -23.34 -3.80 -1.73
C CYS A 351 -24.27 -5.02 -1.68
N GLN A 352 -23.78 -6.19 -2.10
CA GLN A 352 -24.65 -7.35 -2.30
CA GLN A 352 -24.66 -7.36 -2.27
C GLN A 352 -24.29 -8.58 -1.45
N HIS A 353 -23.05 -8.70 -0.98
CA HIS A 353 -22.68 -9.94 -0.30
C HIS A 353 -23.22 -9.97 1.11
N SER A 354 -23.81 -11.10 1.48
CA SER A 354 -24.37 -11.25 2.84
C SER A 354 -23.39 -11.02 4.01
N LEU A 355 -22.11 -11.20 3.79
CA LEU A 355 -21.13 -11.04 4.86
C LEU A 355 -21.18 -9.63 5.43
N PHE A 356 -21.49 -8.69 4.57
CA PHE A 356 -21.42 -7.26 4.95
C PHE A 356 -22.74 -6.64 5.26
N LYS A 357 -23.72 -7.49 5.59
CA LYS A 357 -25.03 -7.04 6.03
C LYS A 357 -25.16 -7.24 7.54
#